data_4HJY
#
_entry.id   4HJY
#
_cell.length_a   71.540
_cell.length_b   33.620
_cell.length_c   75.220
_cell.angle_alpha   90.000
_cell.angle_beta   106.050
_cell.angle_gamma   90.000
#
_symmetry.space_group_name_H-M   'P 1 21 1'
#
loop_
_entity.id
_entity.type
_entity.pdbx_description
1 polymer 'Endo-type membrane-bound lytic murein transglycosylase A'
2 branched 2-acetamido-2-deoxy-beta-D-glucopyranose-(1-4)-2-acetamido-2-deoxy-beta-D-glucopyranose-(1-4)-2-acetamido-2-deoxy-beta-D-glucopyranose-(1-4)-2-acetamido-2-deoxy-beta-D-glucopyranose-(1-4)-2-acetamido-2-deoxy-beta-D-glucopyranose
3 branched 2-acetamido-2-deoxy-beta-D-glucopyranose-(1-4)-2-acetamido-2-deoxy-beta-D-glucopyranose-(1-4)-2-acetamido-2-deoxy-beta-D-glucopyranose
4 water water
#
_entity_poly.entity_id   1
_entity_poly.type   'polypeptide(L)'
_entity_poly.pdbx_seq_one_letter_code
;MHHHHHHHHHHGENLYFQGSSKHDYTNPPWNAKVPVQRAMQWMPISQKAGAAWGVDPQLITAIIAIQSGGNPNAVSKSNA
IGLMQLKASTSGRDVYRRMGWSGEPTTSELKNPERNISMGAAYLNILETGPLAGIEDPKVLQYALVVSYANGAGALLRTF
SSDRKKAISKINDLDADEFLEHVARNHPAPQAPRYIYKLEQALDAM
;
_entity_poly.pdbx_strand_id   A,B
#
# COMPACT_ATOMS: atom_id res chain seq x y z
N ASP A 24 20.97 -33.86 -1.32
CA ASP A 24 20.09 -33.04 -2.14
C ASP A 24 19.01 -32.37 -1.30
N TYR A 25 18.18 -31.57 -1.96
CA TYR A 25 17.25 -30.68 -1.28
C TYR A 25 15.99 -31.33 -0.74
N THR A 26 15.67 -32.53 -1.20
CA THR A 26 14.52 -33.24 -0.66
C THR A 26 14.90 -33.84 0.68
N ASN A 27 16.13 -33.61 1.13
CA ASN A 27 16.63 -34.26 2.34
C ASN A 27 17.05 -33.29 3.44
N PRO A 28 16.61 -33.57 4.68
CA PRO A 28 15.72 -34.67 5.05
C PRO A 28 14.27 -34.32 4.73
N PRO A 29 13.43 -35.31 4.40
CA PRO A 29 12.06 -34.94 4.00
C PRO A 29 11.30 -34.12 5.05
N TRP A 30 10.32 -33.38 4.60
CA TRP A 30 9.56 -32.50 5.48
C TRP A 30 8.08 -32.85 5.52
N ASN A 31 7.57 -33.09 6.72
CA ASN A 31 6.16 -33.42 6.87
C ASN A 31 5.38 -32.14 7.12
N ALA A 32 4.72 -31.66 6.07
CA ALA A 32 4.09 -30.34 6.08
C ALA A 32 2.93 -30.28 7.06
N LYS A 33 2.37 -31.44 7.38
CA LYS A 33 1.07 -31.50 8.03
C LYS A 33 0.97 -30.62 9.28
N VAL A 34 1.87 -30.79 10.24
CA VAL A 34 1.75 -30.06 11.51
C VAL A 34 2.08 -28.57 11.38
N PRO A 35 3.15 -28.26 10.63
CA PRO A 35 3.39 -26.85 10.34
C PRO A 35 2.22 -26.23 9.58
N VAL A 36 1.59 -27.01 8.70
CA VAL A 36 0.43 -26.51 7.99
C VAL A 36 -0.75 -26.44 8.94
N GLN A 37 -0.83 -27.39 9.86
CA GLN A 37 -1.90 -27.38 10.83
C GLN A 37 -1.90 -26.10 11.66
N ARG A 38 -0.71 -25.63 12.03
CA ARG A 38 -0.66 -24.47 12.91
C ARG A 38 -0.73 -23.18 12.11
N ALA A 39 -0.25 -23.22 10.87
CA ALA A 39 -0.34 -22.07 9.99
C ALA A 39 -1.78 -21.82 9.50
N MET A 40 -2.59 -22.86 9.41
CA MET A 40 -3.94 -22.69 8.88
C MET A 40 -4.81 -21.91 9.86
N GLN A 41 -4.40 -21.89 11.12
CA GLN A 41 -5.07 -21.09 12.15
C GLN A 41 -5.13 -19.59 11.86
N TRP A 42 -4.14 -19.06 11.15
CA TRP A 42 -4.07 -17.63 10.87
C TRP A 42 -4.79 -17.22 9.61
N MET A 43 -5.56 -18.13 9.02
CA MET A 43 -6.06 -17.94 7.67
C MET A 43 -6.95 -16.69 7.59
N PRO A 44 -7.75 -16.47 8.62
CA PRO A 44 -8.57 -15.25 8.60
C PRO A 44 -7.71 -14.01 8.39
N ILE A 45 -6.55 -13.98 9.02
CA ILE A 45 -5.63 -12.85 8.84
C ILE A 45 -5.01 -12.86 7.44
N SER A 46 -4.57 -14.03 6.99
CA SER A 46 -3.98 -14.13 5.66
C SER A 46 -4.95 -13.73 4.57
N GLN A 47 -6.23 -14.03 4.76
CA GLN A 47 -7.28 -13.59 3.82
C GLN A 47 -7.41 -12.08 3.83
N LYS A 48 -7.39 -11.49 5.02
CA LYS A 48 -7.43 -10.04 5.13
C LYS A 48 -6.21 -9.42 4.43
N ALA A 49 -5.03 -9.84 4.84
CA ALA A 49 -3.80 -9.31 4.28
C ALA A 49 -3.71 -9.59 2.77
N GLY A 50 -4.11 -10.78 2.37
CA GLY A 50 -4.03 -11.17 0.99
C GLY A 50 -4.92 -10.34 0.08
N ALA A 51 -6.12 -10.05 0.57
CA ALA A 51 -7.06 -9.24 -0.20
C ALA A 51 -6.49 -7.84 -0.39
N ALA A 52 -5.95 -7.29 0.70
CA ALA A 52 -5.36 -5.95 0.73
C ALA A 52 -4.19 -5.71 -0.23
N TRP A 53 -3.40 -6.76 -0.49
CA TRP A 53 -2.16 -6.62 -1.24
C TRP A 53 -2.14 -7.42 -2.52
N GLY A 54 -3.29 -7.98 -2.88
CA GLY A 54 -3.42 -8.77 -4.08
C GLY A 54 -2.58 -10.04 -4.10
N VAL A 55 -2.63 -10.79 -3.01
CA VAL A 55 -1.80 -11.97 -2.86
C VAL A 55 -2.61 -13.20 -2.45
N ASP A 56 -2.28 -14.33 -3.07
CA ASP A 56 -2.90 -15.61 -2.81
C ASP A 56 -2.84 -15.88 -1.30
N PRO A 57 -3.98 -16.09 -0.67
CA PRO A 57 -3.87 -16.32 0.77
C PRO A 57 -3.17 -17.63 1.16
N GLN A 58 -3.19 -18.62 0.27
CA GLN A 58 -2.56 -19.92 0.57
C GLN A 58 -1.06 -19.81 0.42
N LEU A 59 -0.62 -18.96 -0.49
CA LEU A 59 0.79 -18.75 -0.64
C LEU A 59 1.34 -18.17 0.67
N ILE A 60 0.57 -17.24 1.24
CA ILE A 60 0.94 -16.63 2.50
C ILE A 60 0.98 -17.68 3.60
N THR A 61 -0.01 -18.56 3.59
CA THR A 61 -0.09 -19.64 4.54
C THR A 61 1.06 -20.63 4.33
N ALA A 62 1.43 -20.88 3.07
CA ALA A 62 2.51 -21.84 2.79
C ALA A 62 3.83 -21.33 3.37
N ILE A 63 4.09 -20.06 3.16
CA ILE A 63 5.31 -19.45 3.68
C ILE A 63 5.37 -19.45 5.19
N ILE A 64 4.24 -19.18 5.83
CA ILE A 64 4.17 -19.18 7.28
C ILE A 64 4.61 -20.55 7.74
N ALA A 65 3.97 -21.58 7.19
CA ALA A 65 4.22 -22.97 7.57
C ALA A 65 5.69 -23.38 7.38
N ILE A 66 6.26 -22.99 6.24
CA ILE A 66 7.66 -23.27 5.91
C ILE A 66 8.64 -22.49 6.77
N GLN A 67 8.26 -21.26 7.12
CA GLN A 67 9.19 -20.30 7.72
C GLN A 67 9.22 -20.38 9.23
N SER A 68 8.05 -20.54 9.85
CA SER A 68 7.95 -20.64 11.31
C SER A 68 7.19 -21.88 11.81
N GLY A 69 6.53 -22.62 10.93
CA GLY A 69 5.65 -23.67 11.40
C GLY A 69 4.49 -23.10 12.20
N GLY A 70 4.24 -21.81 12.07
CA GLY A 70 3.07 -21.20 12.69
C GLY A 70 3.24 -20.61 14.07
N ASN A 71 4.47 -20.43 14.52
CA ASN A 71 4.71 -19.83 15.82
C ASN A 71 5.01 -18.32 15.68
N PRO A 72 4.12 -17.46 16.19
CA PRO A 72 4.22 -16.02 15.96
C PRO A 72 5.33 -15.35 16.77
N ASN A 73 6.01 -16.13 17.62
CA ASN A 73 7.08 -15.62 18.46
C ASN A 73 8.42 -16.11 17.97
N ALA A 74 8.43 -16.61 16.75
CA ALA A 74 9.64 -17.12 16.13
C ALA A 74 10.69 -16.02 15.92
N VAL A 75 11.92 -16.27 16.39
CA VAL A 75 13.06 -15.40 16.10
C VAL A 75 14.25 -16.26 15.68
N SER A 76 14.85 -15.94 14.53
CA SER A 76 15.96 -16.71 13.98
C SER A 76 17.34 -16.24 14.43
N LYS A 77 18.35 -16.99 14.02
CA LYS A 77 19.76 -16.64 14.20
C LYS A 77 20.13 -15.37 13.46
N SER A 78 19.67 -15.30 12.21
CA SER A 78 19.85 -14.11 11.40
C SER A 78 18.94 -12.96 11.87
N ASN A 79 18.02 -13.26 12.78
CA ASN A 79 17.10 -12.29 13.41
C ASN A 79 15.89 -11.86 12.55
N ALA A 80 15.32 -12.82 11.84
CA ALA A 80 14.03 -12.65 11.18
C ALA A 80 12.91 -12.92 12.20
N ILE A 81 11.81 -12.17 12.09
CA ILE A 81 10.81 -12.20 13.16
C ILE A 81 9.43 -12.69 12.72
N GLY A 82 8.78 -13.42 13.63
CA GLY A 82 7.36 -13.72 13.53
C GLY A 82 6.95 -14.74 12.48
N LEU A 83 5.66 -14.75 12.20
CA LEU A 83 5.01 -15.78 11.41
C LEU A 83 5.58 -15.93 10.01
N MET A 84 5.87 -14.82 9.34
CA MET A 84 6.41 -14.87 7.97
C MET A 84 7.91 -14.57 7.96
N GLN A 85 8.50 -14.58 9.16
CA GLN A 85 9.94 -14.47 9.36
C GLN A 85 10.55 -13.27 8.64
N LEU A 86 10.09 -12.08 8.97
CA LEU A 86 10.55 -10.88 8.30
C LEU A 86 11.85 -10.35 8.93
N LYS A 87 12.79 -9.89 8.11
CA LYS A 87 13.95 -9.17 8.64
C LYS A 87 13.73 -7.65 8.53
N ALA A 88 13.70 -6.98 9.67
CA ALA A 88 13.39 -5.55 9.74
C ALA A 88 14.17 -4.76 8.72
N SER A 89 15.46 -5.09 8.59
CA SER A 89 16.40 -4.26 7.85
C SER A 89 16.38 -4.48 6.35
N THR A 90 15.58 -5.44 5.89
CA THR A 90 15.44 -5.71 4.47
C THR A 90 13.97 -5.62 4.06
N SER A 91 13.20 -6.66 4.36
CA SER A 91 11.80 -6.68 3.96
C SER A 91 11.03 -5.64 4.75
N GLY A 92 11.42 -5.40 5.99
CA GLY A 92 10.71 -4.42 6.79
C GLY A 92 10.91 -3.01 6.27
N ARG A 93 12.18 -2.72 5.98
CA ARG A 93 12.58 -1.45 5.43
C ARG A 93 11.86 -1.20 4.10
N ASP A 94 11.75 -2.25 3.29
CA ASP A 94 11.10 -2.16 1.99
C ASP A 94 9.60 -1.91 2.06
N VAL A 95 8.94 -2.55 3.00
CA VAL A 95 7.51 -2.33 3.12
C VAL A 95 7.28 -0.91 3.59
N TYR A 96 8.02 -0.51 4.61
CA TYR A 96 7.90 0.86 5.14
C TYR A 96 8.09 1.91 4.04
N ARG A 97 9.07 1.69 3.19
CA ARG A 97 9.31 2.60 2.09
C ARG A 97 8.11 2.62 1.12
N ARG A 98 7.58 1.46 0.77
CA ARG A 98 6.34 1.35 -0.02
C ARG A 98 5.15 2.12 0.58
N MET A 99 5.15 2.26 1.91
CA MET A 99 4.11 2.96 2.64
C MET A 99 4.32 4.47 2.70
N GLY A 100 5.53 4.91 2.39
CA GLY A 100 5.89 6.31 2.52
C GLY A 100 6.45 6.61 3.88
N TRP A 101 6.81 5.58 4.64
CA TRP A 101 7.38 5.75 5.98
C TRP A 101 8.89 5.60 5.99
N SER A 102 9.54 6.33 6.89
CA SER A 102 10.96 6.17 7.10
C SER A 102 11.19 5.04 8.08
N GLY A 103 12.43 4.58 8.18
CA GLY A 103 12.83 3.67 9.23
C GLY A 103 12.38 2.24 9.02
N GLU A 104 12.34 1.46 10.11
CA GLU A 104 11.95 0.07 9.99
C GLU A 104 11.19 -0.36 11.22
N PRO A 105 10.40 -1.45 11.10
CA PRO A 105 9.60 -1.95 12.21
C PRO A 105 10.44 -2.41 13.39
N THR A 106 9.87 -2.35 14.59
CA THR A 106 10.52 -2.90 15.76
C THR A 106 10.22 -4.38 15.80
N THR A 107 10.99 -5.09 16.61
CA THR A 107 10.81 -6.52 16.82
C THR A 107 9.42 -6.76 17.37
N SER A 108 8.99 -5.84 18.23
CA SER A 108 7.68 -5.90 18.85
C SER A 108 6.52 -5.92 17.84
N GLU A 109 6.53 -5.00 16.87
CA GLU A 109 5.50 -4.97 15.85
C GLU A 109 5.42 -6.32 15.14
N LEU A 110 6.59 -6.83 14.76
CA LEU A 110 6.73 -8.05 13.97
C LEU A 110 6.30 -9.35 14.66
N LYS A 111 6.13 -9.32 15.97
CA LYS A 111 5.63 -10.47 16.70
C LYS A 111 4.11 -10.42 16.76
N ASN A 112 3.54 -9.25 16.49
CA ASN A 112 2.12 -9.15 16.28
C ASN A 112 1.76 -9.92 14.98
N PRO A 113 0.93 -10.97 15.09
CA PRO A 113 0.57 -11.82 13.95
C PRO A 113 -0.01 -11.04 12.77
N GLU A 114 -0.91 -10.11 13.04
CA GLU A 114 -1.53 -9.34 12.00
C GLU A 114 -0.53 -8.40 11.37
N ARG A 115 0.25 -7.71 12.17
CA ARG A 115 1.23 -6.80 11.59
C ARG A 115 2.21 -7.60 10.74
N ASN A 116 2.57 -8.78 11.24
CA ASN A 116 3.54 -9.62 10.56
C ASN A 116 3.01 -10.09 9.22
N ILE A 117 1.80 -10.62 9.23
CA ILE A 117 1.21 -11.20 8.04
C ILE A 117 0.92 -10.16 6.96
N SER A 118 0.40 -9.02 7.37
CA SER A 118 0.14 -7.98 6.40
C SER A 118 1.46 -7.50 5.80
N MET A 119 2.49 -7.39 6.61
CA MET A 119 3.76 -6.94 6.07
C MET A 119 4.42 -7.99 5.15
N GLY A 120 4.28 -9.27 5.47
CA GLY A 120 4.76 -10.30 4.57
C GLY A 120 4.00 -10.26 3.26
N ALA A 121 2.70 -10.15 3.34
CA ALA A 121 1.89 -10.03 2.13
C ALA A 121 2.28 -8.79 1.32
N ALA A 122 2.50 -7.67 2.02
CA ALA A 122 2.95 -6.48 1.33
C ALA A 122 4.28 -6.77 0.65
N TYR A 123 5.15 -7.52 1.29
CA TYR A 123 6.46 -7.76 0.67
C TYR A 123 6.31 -8.60 -0.61
N LEU A 124 5.43 -9.60 -0.59
CA LEU A 124 5.16 -10.41 -1.78
C LEU A 124 4.65 -9.58 -2.96
N ASN A 125 3.73 -8.65 -2.70
CA ASN A 125 3.28 -7.72 -3.73
C ASN A 125 4.39 -6.80 -4.26
N ILE A 126 5.27 -6.37 -3.36
CA ILE A 126 6.44 -5.60 -3.77
C ILE A 126 7.32 -6.43 -4.71
N LEU A 127 7.61 -7.67 -4.34
CA LEU A 127 8.44 -8.51 -5.21
C LEU A 127 7.70 -8.66 -6.51
N GLU A 128 6.42 -9.05 -6.44
CA GLU A 128 5.62 -9.33 -7.63
C GLU A 128 5.49 -8.13 -8.60
N THR A 129 5.62 -6.91 -8.11
CA THR A 129 5.44 -5.72 -8.96
C THR A 129 6.72 -4.94 -9.22
N GLY A 130 7.82 -5.39 -8.62
CA GLY A 130 9.14 -4.80 -8.84
C GLY A 130 10.08 -5.75 -9.58
N PRO A 131 11.03 -6.37 -8.86
CA PRO A 131 12.05 -7.27 -9.43
C PRO A 131 11.48 -8.40 -10.29
N LEU A 132 10.33 -8.96 -9.90
CA LEU A 132 9.79 -10.14 -10.55
C LEU A 132 8.75 -9.80 -11.62
N ALA A 133 8.47 -8.52 -11.79
CA ALA A 133 7.47 -8.11 -12.78
C ALA A 133 7.83 -8.71 -14.14
N GLY A 134 6.90 -9.44 -14.74
CA GLY A 134 7.12 -9.95 -16.07
C GLY A 134 6.89 -11.43 -16.21
N ILE A 135 6.94 -12.19 -15.12
CA ILE A 135 6.68 -13.62 -15.20
C ILE A 135 5.20 -13.79 -15.54
N GLU A 136 4.93 -14.51 -16.63
CA GLU A 136 3.55 -14.69 -17.12
C GLU A 136 2.96 -15.99 -16.57
N ASP A 137 3.78 -17.04 -16.63
CA ASP A 137 3.40 -18.35 -16.10
C ASP A 137 3.35 -18.29 -14.58
N PRO A 138 2.12 -18.34 -14.02
CA PRO A 138 1.83 -18.07 -12.60
C PRO A 138 2.36 -19.16 -11.68
N LYS A 139 2.64 -20.33 -12.22
CA LYS A 139 3.18 -21.40 -11.41
C LYS A 139 4.68 -21.17 -11.18
N VAL A 140 5.40 -20.89 -12.25
CA VAL A 140 6.78 -20.46 -12.11
C VAL A 140 6.85 -19.19 -11.25
N LEU A 141 5.97 -18.22 -11.52
CA LEU A 141 5.99 -16.96 -10.76
C LEU A 141 5.90 -17.25 -9.26
N GLN A 142 5.04 -18.18 -8.90
CA GLN A 142 4.86 -18.53 -7.51
C GLN A 142 6.15 -19.18 -6.99
N TYR A 143 6.84 -19.92 -7.85
CA TYR A 143 8.18 -20.44 -7.52
C TYR A 143 9.20 -19.32 -7.35
N ALA A 144 9.19 -18.37 -8.27
CA ALA A 144 10.10 -17.25 -8.18
C ALA A 144 9.89 -16.53 -6.86
N LEU A 145 8.64 -16.36 -6.46
CA LEU A 145 8.32 -15.63 -5.23
C LEU A 145 8.84 -16.30 -3.94
N VAL A 146 8.68 -17.61 -3.80
CA VAL A 146 9.17 -18.27 -2.59
C VAL A 146 10.70 -18.19 -2.51
N VAL A 147 11.36 -18.35 -3.64
CA VAL A 147 12.82 -18.28 -3.63
C VAL A 147 13.28 -16.83 -3.42
N SER A 148 12.64 -15.89 -4.10
CA SER A 148 12.96 -14.48 -3.90
C SER A 148 12.65 -14.02 -2.49
N TYR A 149 11.61 -14.58 -1.90
CA TYR A 149 11.22 -14.17 -0.56
C TYR A 149 12.27 -14.65 0.43
N ALA A 150 12.67 -15.91 0.30
CA ALA A 150 13.51 -16.56 1.30
C ALA A 150 14.98 -16.23 1.12
N ASN A 151 15.42 -16.03 -0.11
CA ASN A 151 16.84 -15.75 -0.37
C ASN A 151 17.11 -14.44 -1.07
N GLY A 152 16.09 -13.74 -1.52
CA GLY A 152 16.30 -12.46 -2.16
C GLY A 152 16.07 -12.50 -3.66
N ALA A 153 15.54 -11.42 -4.20
CA ALA A 153 15.20 -11.39 -5.61
C ALA A 153 16.45 -11.30 -6.46
N GLY A 154 17.36 -10.40 -6.10
CA GLY A 154 18.55 -10.20 -6.91
C GLY A 154 19.31 -11.50 -7.02
N ALA A 155 19.52 -12.16 -5.88
CA ALA A 155 20.18 -13.45 -5.86
C ALA A 155 19.50 -14.42 -6.82
N LEU A 156 18.16 -14.38 -6.86
CA LEU A 156 17.45 -15.25 -7.77
C LEU A 156 17.79 -14.84 -9.19
N LEU A 157 17.67 -13.54 -9.48
CA LEU A 157 17.80 -13.07 -10.86
C LEU A 157 19.19 -13.21 -11.46
N ARG A 158 20.23 -13.03 -10.65
CA ARG A 158 21.59 -13.09 -11.17
C ARG A 158 22.02 -14.51 -11.55
N THR A 159 21.19 -15.49 -11.23
CA THR A 159 21.42 -16.84 -11.70
C THR A 159 21.04 -16.99 -13.17
N PHE A 160 20.39 -15.97 -13.74
CA PHE A 160 20.05 -16.00 -15.15
C PHE A 160 20.88 -14.98 -15.94
N SER A 161 21.02 -13.77 -15.39
CA SER A 161 21.78 -12.72 -16.03
C SER A 161 21.86 -11.55 -15.08
N SER A 162 22.85 -10.69 -15.30
CA SER A 162 23.04 -9.52 -14.47
C SER A 162 22.00 -8.45 -14.79
N ASP A 163 21.33 -8.56 -15.93
CA ASP A 163 20.26 -7.63 -16.28
C ASP A 163 18.89 -8.20 -15.90
N ARG A 164 18.09 -7.36 -15.23
CA ARG A 164 16.79 -7.78 -14.73
C ARG A 164 15.86 -8.24 -15.85
N LYS A 165 15.80 -7.49 -16.93
CA LYS A 165 14.89 -7.83 -18.01
C LYS A 165 15.32 -9.05 -18.81
N LYS A 166 16.63 -9.24 -18.99
CA LYS A 166 17.08 -10.45 -19.68
C LYS A 166 16.81 -11.69 -18.82
N ALA A 167 17.11 -11.60 -17.53
CA ALA A 167 16.82 -12.68 -16.60
C ALA A 167 15.37 -13.13 -16.71
N ILE A 168 14.45 -12.17 -16.81
CA ILE A 168 13.02 -12.46 -16.92
C ILE A 168 12.63 -13.21 -18.18
N SER A 169 13.04 -12.67 -19.32
CA SER A 169 12.69 -13.29 -20.59
C SER A 169 13.12 -14.76 -20.58
N LYS A 170 14.30 -15.04 -20.03
CA LYS A 170 14.73 -16.43 -19.88
C LYS A 170 13.73 -17.20 -19.02
N ILE A 171 13.36 -16.63 -17.88
CA ILE A 171 12.45 -17.29 -16.95
C ILE A 171 11.13 -17.67 -17.62
N ASN A 172 10.65 -16.82 -18.52
CA ASN A 172 9.40 -17.07 -19.24
C ASN A 172 9.49 -18.22 -20.26
N ASP A 173 10.70 -18.61 -20.62
CA ASP A 173 10.86 -19.72 -21.54
C ASP A 173 11.02 -21.05 -20.80
N LEU A 174 10.61 -21.06 -19.54
CA LEU A 174 10.73 -22.28 -18.73
C LEU A 174 9.36 -22.66 -18.20
N ASP A 175 9.19 -23.96 -17.97
CA ASP A 175 8.06 -24.46 -17.23
C ASP A 175 8.52 -24.77 -15.80
N ALA A 176 7.56 -24.86 -14.88
CA ALA A 176 7.87 -25.00 -13.47
C ALA A 176 8.99 -26.00 -13.23
N ASP A 177 8.92 -27.13 -13.93
CA ASP A 177 9.88 -28.19 -13.70
C ASP A 177 11.27 -27.76 -14.15
N GLU A 178 11.32 -26.96 -15.21
CA GLU A 178 12.59 -26.44 -15.71
C GLU A 178 13.19 -25.36 -14.81
N PHE A 179 12.37 -24.39 -14.44
CA PHE A 179 12.78 -23.32 -13.54
C PHE A 179 13.36 -23.93 -12.27
N LEU A 180 12.67 -24.92 -11.72
CA LEU A 180 13.16 -25.62 -10.54
C LEU A 180 14.53 -26.26 -10.79
N GLU A 181 14.72 -26.79 -11.99
CA GLU A 181 16.02 -27.37 -12.38
C GLU A 181 17.09 -26.30 -12.23
N HIS A 182 16.90 -25.23 -12.98
CA HIS A 182 17.85 -24.13 -13.04
C HIS A 182 18.20 -23.62 -11.65
N VAL A 183 17.19 -23.51 -10.79
CA VAL A 183 17.40 -23.10 -9.42
C VAL A 183 18.34 -24.07 -8.71
N ALA A 184 18.03 -25.36 -8.79
CA ALA A 184 18.83 -26.36 -8.11
C ALA A 184 20.34 -26.31 -8.45
N ARG A 185 20.69 -25.99 -9.70
CA ARG A 185 22.11 -25.97 -10.04
C ARG A 185 22.78 -24.60 -10.29
N ASN A 186 22.00 -23.57 -10.54
CA ASN A 186 22.61 -22.28 -10.82
C ASN A 186 22.42 -21.30 -9.66
N HIS A 187 21.66 -21.69 -8.65
CA HIS A 187 21.46 -20.83 -7.51
C HIS A 187 22.45 -21.15 -6.40
N PRO A 188 23.34 -20.19 -6.08
CA PRO A 188 24.39 -20.26 -5.05
C PRO A 188 23.97 -20.88 -3.72
N ALA A 189 22.76 -20.57 -3.25
CA ALA A 189 22.26 -21.09 -1.99
C ALA A 189 21.59 -22.44 -2.17
N PRO A 190 22.06 -23.47 -1.43
CA PRO A 190 21.56 -24.85 -1.52
C PRO A 190 20.09 -24.92 -1.12
N GLN A 191 19.64 -23.98 -0.30
CA GLN A 191 18.29 -24.02 0.22
C GLN A 191 17.29 -23.52 -0.80
N ALA A 192 17.79 -22.79 -1.79
CA ALA A 192 16.93 -22.23 -2.82
C ALA A 192 15.90 -23.22 -3.37
N PRO A 193 16.38 -24.38 -3.86
CA PRO A 193 15.42 -25.33 -4.41
C PRO A 193 14.58 -26.04 -3.34
N ARG A 194 15.09 -26.11 -2.12
CA ARG A 194 14.39 -26.78 -1.04
C ARG A 194 13.11 -26.05 -0.62
N TYR A 195 13.06 -24.73 -0.84
CA TYR A 195 11.87 -23.93 -0.51
C TYR A 195 10.72 -24.25 -1.46
N ILE A 196 11.07 -24.53 -2.71
CA ILE A 196 10.10 -24.94 -3.72
C ILE A 196 9.54 -26.31 -3.37
N TYR A 197 10.40 -27.19 -2.90
CA TYR A 197 9.96 -28.49 -2.46
C TYR A 197 9.06 -28.37 -1.24
N LYS A 198 9.53 -27.66 -0.22
CA LYS A 198 8.72 -27.46 0.97
C LYS A 198 7.42 -26.79 0.58
N LEU A 199 7.52 -25.85 -0.35
CA LEU A 199 6.33 -25.21 -0.86
C LEU A 199 5.33 -26.27 -1.26
N GLU A 200 5.69 -27.05 -2.26
CA GLU A 200 4.76 -28.07 -2.75
C GLU A 200 4.26 -29.00 -1.64
N GLN A 201 5.15 -29.38 -0.72
CA GLN A 201 4.74 -30.16 0.45
C GLN A 201 3.67 -29.42 1.24
N ALA A 202 3.78 -28.09 1.29
CA ALA A 202 2.77 -27.26 1.98
C ALA A 202 1.45 -27.11 1.20
N LEU A 203 1.51 -26.96 -0.11
CA LEU A 203 0.28 -26.86 -0.91
C LEU A 203 -0.44 -28.23 -0.99
N ASP A 204 0.29 -29.33 -1.07
CA ASP A 204 -0.34 -30.66 -0.95
C ASP A 204 -1.13 -30.74 0.35
N ALA A 205 -0.53 -30.28 1.45
CA ALA A 205 -1.16 -30.39 2.76
C ALA A 205 -2.27 -29.35 2.97
N MET A 206 -2.77 -28.78 1.88
CA MET A 206 -3.97 -27.97 1.91
C MET A 206 -4.94 -28.63 0.93
N ASP B 24 -21.63 33.17 -2.01
CA ASP B 24 -20.45 33.05 -2.88
C ASP B 24 -19.35 32.28 -2.12
N TYR B 25 -18.81 31.25 -2.77
CA TYR B 25 -17.90 30.30 -2.13
C TYR B 25 -16.48 30.85 -2.05
N THR B 26 -16.19 31.86 -2.86
CA THR B 26 -14.87 32.48 -2.85
C THR B 26 -14.71 33.50 -1.72
N ASN B 27 -15.78 33.80 -1.02
CA ASN B 27 -15.72 34.79 0.02
C ASN B 27 -16.42 34.27 1.27
N PRO B 28 -15.86 34.52 2.48
CA PRO B 28 -14.72 35.42 2.70
C PRO B 28 -13.42 34.87 2.18
N PRO B 29 -12.56 35.74 1.65
CA PRO B 29 -11.32 35.33 0.98
C PRO B 29 -10.34 34.57 1.86
N TRP B 30 -9.47 33.81 1.20
CA TRP B 30 -8.44 33.05 1.88
C TRP B 30 -7.07 33.52 1.38
N ASN B 31 -6.20 33.95 2.28
CA ASN B 31 -4.84 34.26 1.85
C ASN B 31 -4.01 33.04 2.10
N ALA B 32 -3.64 32.36 1.02
CA ALA B 32 -2.93 31.10 1.10
C ALA B 32 -1.52 31.29 1.64
N LYS B 33 -0.98 32.50 1.52
CA LYS B 33 0.46 32.69 1.65
C LYS B 33 1.08 32.00 2.87
N VAL B 34 0.55 32.25 4.06
CA VAL B 34 1.17 31.75 5.30
C VAL B 34 0.91 30.26 5.61
N PRO B 35 -0.33 29.78 5.42
CA PRO B 35 -0.66 28.36 5.49
C PRO B 35 0.11 27.56 4.46
N VAL B 36 0.35 28.16 3.30
CA VAL B 36 1.13 27.51 2.25
C VAL B 36 2.61 27.52 2.61
N GLN B 37 3.05 28.68 3.06
CA GLN B 37 4.42 28.86 3.46
C GLN B 37 4.75 27.88 4.56
N ARG B 38 3.74 27.57 5.37
CA ARG B 38 3.93 26.68 6.51
C ARG B 38 3.79 25.22 6.09
N ALA B 39 3.00 24.98 5.05
CA ALA B 39 2.87 23.63 4.51
C ALA B 39 4.14 23.24 3.75
N MET B 40 4.89 24.22 3.24
CA MET B 40 6.08 23.93 2.42
C MET B 40 7.23 23.30 3.22
N GLN B 41 7.28 23.56 4.52
CA GLN B 41 8.30 22.93 5.36
C GLN B 41 8.24 21.41 5.35
N TRP B 42 7.07 20.85 5.11
CA TRP B 42 6.91 19.39 5.09
C TRP B 42 7.10 18.78 3.69
N MET B 43 7.51 19.59 2.71
CA MET B 43 7.54 19.15 1.31
C MET B 43 8.45 17.94 1.10
N PRO B 44 9.56 17.89 1.83
CA PRO B 44 10.35 16.66 1.72
C PRO B 44 9.52 15.41 2.01
N ILE B 45 8.68 15.45 3.02
CA ILE B 45 7.82 14.30 3.35
C ILE B 45 6.74 14.10 2.31
N SER B 46 6.11 15.18 1.89
CA SER B 46 5.08 15.06 0.87
C SER B 46 5.64 14.38 -0.42
N GLN B 47 6.93 14.53 -0.69
CA GLN B 47 7.57 13.89 -1.84
C GLN B 47 7.72 12.37 -1.62
N LYS B 48 8.17 11.95 -0.45
CA LYS B 48 8.24 10.52 -0.09
C LYS B 48 6.87 9.83 -0.15
N ALA B 49 5.89 10.41 0.54
CA ALA B 49 4.53 9.88 0.53
C ALA B 49 3.92 9.91 -0.88
N GLY B 50 4.15 10.98 -1.61
CA GLY B 50 3.57 11.07 -2.93
C GLY B 50 4.19 10.01 -3.82
N ALA B 51 5.50 9.83 -3.75
CA ALA B 51 6.11 8.84 -4.63
C ALA B 51 5.55 7.46 -4.32
N ALA B 52 5.47 7.14 -3.04
CA ALA B 52 4.99 5.83 -2.60
C ALA B 52 3.58 5.51 -3.07
N TRP B 53 2.70 6.50 -3.12
CA TRP B 53 1.29 6.26 -3.35
C TRP B 53 0.81 6.87 -4.70
N GLY B 54 1.71 7.35 -5.54
CA GLY B 54 1.35 7.89 -6.85
C GLY B 54 0.47 9.14 -6.80
N VAL B 55 0.86 10.09 -5.96
CA VAL B 55 0.08 11.29 -5.72
C VAL B 55 0.99 12.50 -5.86
N ASP B 56 0.51 13.50 -6.56
CA ASP B 56 1.21 14.78 -6.76
C ASP B 56 1.59 15.41 -5.42
N PRO B 57 2.89 15.58 -5.18
CA PRO B 57 3.23 16.13 -3.85
C PRO B 57 2.63 17.53 -3.62
N GLN B 58 2.37 18.27 -4.69
CA GLN B 58 1.83 19.60 -4.52
C GLN B 58 0.38 19.57 -4.10
N LEU B 59 -0.36 18.58 -4.59
CA LEU B 59 -1.75 18.43 -4.21
C LEU B 59 -1.81 18.09 -2.74
N ILE B 60 -0.88 17.24 -2.31
CA ILE B 60 -0.75 16.88 -0.90
C ILE B 60 -0.44 18.10 -0.07
N THR B 61 0.47 18.93 -0.57
CA THR B 61 0.84 20.15 0.14
C THR B 61 -0.29 21.19 0.18
N ALA B 62 -1.08 21.28 -0.88
CA ALA B 62 -2.23 22.18 -0.88
C ALA B 62 -3.25 21.74 0.15
N ILE B 63 -3.47 20.43 0.25
CA ILE B 63 -4.41 19.91 1.26
C ILE B 63 -3.91 20.15 2.71
N ILE B 64 -2.61 20.01 2.95
CA ILE B 64 -2.08 20.32 4.28
C ILE B 64 -2.45 21.75 4.67
N ALA B 65 -2.18 22.68 3.75
CA ALA B 65 -2.40 24.09 3.97
C ALA B 65 -3.88 24.38 4.25
N ILE B 66 -4.75 23.86 3.43
CA ILE B 66 -6.17 24.10 3.57
C ILE B 66 -6.73 23.47 4.85
N GLN B 67 -6.19 22.31 5.24
CA GLN B 67 -6.80 21.54 6.32
C GLN B 67 -6.23 21.88 7.69
N SER B 68 -4.92 22.08 7.78
CA SER B 68 -4.27 22.40 9.05
C SER B 68 -3.47 23.68 9.02
N GLY B 69 -3.33 24.30 7.85
CA GLY B 69 -2.43 25.41 7.68
C GLY B 69 -0.97 25.07 7.94
N GLY B 70 -0.63 23.79 8.02
CA GLY B 70 0.75 23.41 8.24
C GLY B 70 1.11 23.20 9.72
N ASN B 71 0.10 23.13 10.58
CA ASN B 71 0.32 22.86 12.00
C ASN B 71 0.20 21.36 12.26
N PRO B 72 1.31 20.70 12.66
CA PRO B 72 1.21 19.24 12.71
C PRO B 72 0.47 18.74 13.94
N ASN B 73 0.11 19.60 14.86
CA ASN B 73 -0.53 19.16 16.09
C ASN B 73 -1.99 19.59 16.15
N ALA B 74 -2.52 20.09 15.04
CA ALA B 74 -3.90 20.55 14.99
C ALA B 74 -4.92 19.42 15.16
N VAL B 75 -5.88 19.66 16.03
CA VAL B 75 -7.03 18.79 16.20
C VAL B 75 -8.27 19.64 16.09
N SER B 76 -9.22 19.20 15.27
CA SER B 76 -10.43 19.97 15.02
C SER B 76 -11.50 19.72 16.07
N LYS B 77 -12.64 20.42 15.94
CA LYS B 77 -13.79 20.19 16.79
C LYS B 77 -14.24 18.76 16.54
N SER B 78 -14.32 18.40 15.27
CA SER B 78 -14.73 17.06 14.83
C SER B 78 -13.71 15.99 15.18
N ASN B 79 -12.56 16.42 15.67
CA ASN B 79 -11.48 15.51 16.05
C ASN B 79 -10.70 14.88 14.92
N ALA B 80 -10.49 15.65 13.86
CA ALA B 80 -9.56 15.26 12.80
C ALA B 80 -8.18 15.67 13.26
N ILE B 81 -7.17 14.92 12.88
CA ILE B 81 -5.87 15.06 13.51
C ILE B 81 -4.78 15.45 12.54
N GLY B 82 -3.92 16.37 12.96
CA GLY B 82 -2.62 16.58 12.34
C GLY B 82 -2.64 17.25 11.01
N LEU B 83 -1.53 17.11 10.28
CA LEU B 83 -1.28 17.91 9.07
C LEU B 83 -2.37 17.81 8.04
N MET B 84 -2.85 16.63 7.79
CA MET B 84 -3.87 16.45 6.79
C MET B 84 -5.24 16.18 7.37
N GLN B 85 -5.39 16.40 8.68
CA GLN B 85 -6.69 16.33 9.34
C GLN B 85 -7.41 15.01 9.06
N LEU B 86 -6.80 13.91 9.43
CA LEU B 86 -7.40 12.60 9.25
C LEU B 86 -8.31 12.26 10.45
N LYS B 87 -9.48 11.69 10.17
CA LYS B 87 -10.34 11.20 11.24
C LYS B 87 -10.07 9.71 11.47
N ALA B 88 -9.70 9.39 12.71
CA ALA B 88 -9.40 8.03 13.07
C ALA B 88 -10.47 7.08 12.57
N SER B 89 -11.73 7.45 12.80
CA SER B 89 -12.81 6.50 12.62
C SER B 89 -13.32 6.41 11.19
N THR B 90 -12.79 7.24 10.31
CA THR B 90 -13.22 7.12 8.91
C THR B 90 -12.02 6.92 8.00
N SER B 91 -11.28 7.98 7.71
CA SER B 91 -10.21 7.87 6.72
C SER B 91 -9.10 7.02 7.27
N GLY B 92 -8.86 7.12 8.57
CA GLY B 92 -7.79 6.39 9.21
C GLY B 92 -8.12 4.91 9.15
N ARG B 93 -9.36 4.58 9.48
CA ARG B 93 -9.82 3.20 9.48
C ARG B 93 -9.68 2.56 8.10
N ASP B 94 -9.94 3.33 7.05
CA ASP B 94 -9.83 2.87 5.69
C ASP B 94 -8.38 2.65 5.26
N VAL B 95 -7.50 3.52 5.73
CA VAL B 95 -6.10 3.35 5.40
C VAL B 95 -5.60 2.08 6.07
N TYR B 96 -5.93 1.94 7.34
CA TYR B 96 -5.59 0.73 8.05
C TYR B 96 -6.03 -0.48 7.25
N ARG B 97 -7.25 -0.46 6.72
CA ARG B 97 -7.80 -1.57 5.94
C ARG B 97 -7.06 -1.84 4.62
N ARG B 98 -6.69 -0.79 3.93
CA ARG B 98 -5.85 -0.91 2.76
C ARG B 98 -4.55 -1.65 3.11
N MET B 99 -4.13 -1.51 4.37
CA MET B 99 -2.89 -2.10 4.87
C MET B 99 -3.08 -3.52 5.33
N GLY B 100 -4.32 -3.92 5.52
CA GLY B 100 -4.62 -5.22 6.03
C GLY B 100 -4.66 -5.26 7.54
N TRP B 101 -4.75 -4.08 8.15
CA TRP B 101 -4.84 -3.99 9.61
C TRP B 101 -6.29 -3.85 10.05
N SER B 102 -6.57 -4.35 11.24
CA SER B 102 -7.86 -4.13 11.87
C SER B 102 -7.81 -2.86 12.69
N GLY B 103 -8.95 -2.38 13.11
CA GLY B 103 -8.95 -1.31 14.08
C GLY B 103 -8.66 0.03 13.43
N GLU B 104 -8.13 0.94 14.20
CA GLU B 104 -7.90 2.26 13.66
C GLU B 104 -6.70 2.95 14.30
N PRO B 105 -6.20 3.99 13.63
CA PRO B 105 -5.10 4.74 14.22
C PRO B 105 -5.59 5.53 15.41
N THR B 106 -4.70 5.64 16.39
CA THR B 106 -4.96 6.44 17.57
C THR B 106 -4.57 7.85 17.25
N THR B 107 -4.98 8.76 18.10
CA THR B 107 -4.66 10.14 17.92
C THR B 107 -3.16 10.34 18.04
N SER B 108 -2.52 9.67 18.98
CA SER B 108 -1.08 9.86 19.12
C SER B 108 -0.36 9.47 17.82
N GLU B 109 -0.67 8.30 17.25
CA GLU B 109 -0.10 7.93 15.94
C GLU B 109 -0.24 9.03 14.93
N LEU B 110 -1.44 9.56 14.80
CA LEU B 110 -1.74 10.50 13.74
C LEU B 110 -0.97 11.84 13.86
N LYS B 111 -0.34 12.07 14.99
CA LYS B 111 0.38 13.30 15.25
C LYS B 111 1.80 13.34 14.68
N ASN B 112 2.40 12.18 14.44
CA ASN B 112 3.65 12.14 13.70
C ASN B 112 3.47 12.67 12.28
N PRO B 113 4.17 13.76 11.91
CA PRO B 113 4.04 14.45 10.62
C PRO B 113 4.19 13.51 9.44
N GLU B 114 5.19 12.65 9.51
CA GLU B 114 5.45 11.72 8.41
C GLU B 114 4.36 10.66 8.21
N ARG B 115 3.93 9.99 9.28
CA ARG B 115 2.84 9.03 9.17
C ARG B 115 1.53 9.68 8.75
N ASN B 116 1.29 10.88 9.26
CA ASN B 116 0.08 11.61 8.95
C ASN B 116 0.01 11.92 7.46
N ILE B 117 1.11 12.45 6.93
CA ILE B 117 1.20 12.82 5.54
C ILE B 117 1.06 11.61 4.65
N SER B 118 1.72 10.52 5.01
CA SER B 118 1.65 9.32 4.18
C SER B 118 0.25 8.71 4.21
N MET B 119 -0.38 8.68 5.36
CA MET B 119 -1.71 8.12 5.46
C MET B 119 -2.73 8.96 4.70
N GLY B 120 -2.51 10.28 4.66
CA GLY B 120 -3.32 11.15 3.84
C GLY B 120 -3.12 10.82 2.37
N ALA B 121 -1.86 10.63 2.00
CA ALA B 121 -1.52 10.23 0.64
C ALA B 121 -2.12 8.85 0.33
N ALA B 122 -2.11 7.95 1.30
CA ALA B 122 -2.74 6.67 1.04
C ALA B 122 -4.24 6.84 0.78
N TYR B 123 -4.86 7.75 1.54
CA TYR B 123 -6.28 7.93 1.43
C TYR B 123 -6.59 8.52 0.07
N LEU B 124 -5.74 9.46 -0.36
CA LEU B 124 -5.91 10.02 -1.69
C LEU B 124 -5.85 8.96 -2.81
N ASN B 125 -4.92 8.00 -2.68
CA ASN B 125 -4.81 6.89 -3.62
C ASN B 125 -6.03 5.96 -3.58
N ILE B 126 -6.50 5.70 -2.36
CA ILE B 126 -7.73 4.92 -2.19
C ILE B 126 -8.95 5.54 -2.91
N LEU B 127 -9.11 6.86 -2.82
CA LEU B 127 -10.21 7.55 -3.48
C LEU B 127 -10.09 7.41 -4.99
N GLU B 128 -8.88 7.73 -5.46
CA GLU B 128 -8.56 7.69 -6.88
C GLU B 128 -8.71 6.34 -7.56
N THR B 129 -8.54 5.25 -6.83
CA THR B 129 -8.58 3.93 -7.42
C THR B 129 -9.86 3.20 -7.08
N GLY B 130 -10.64 3.76 -6.18
CA GLY B 130 -11.90 3.19 -5.80
C GLY B 130 -13.03 4.05 -6.31
N PRO B 131 -13.69 4.79 -5.41
CA PRO B 131 -14.86 5.57 -5.85
C PRO B 131 -14.59 6.40 -7.10
N LEU B 132 -13.38 6.96 -7.24
CA LEU B 132 -13.15 7.92 -8.30
C LEU B 132 -12.52 7.34 -9.57
N ALA B 133 -12.22 6.05 -9.60
CA ALA B 133 -11.62 5.46 -10.80
C ALA B 133 -12.49 5.68 -12.03
N GLY B 134 -11.90 6.23 -13.08
CA GLY B 134 -12.56 6.44 -14.36
C GLY B 134 -12.40 7.87 -14.85
N ILE B 135 -12.14 8.78 -13.92
CA ILE B 135 -11.98 10.17 -14.29
C ILE B 135 -10.67 10.31 -15.05
N GLU B 136 -10.78 10.83 -16.26
CA GLU B 136 -9.66 10.93 -17.19
C GLU B 136 -8.94 12.28 -17.13
N ASP B 137 -9.70 13.37 -17.12
CA ASP B 137 -9.12 14.71 -17.11
C ASP B 137 -8.54 14.95 -15.74
N PRO B 138 -7.19 15.04 -15.66
CA PRO B 138 -6.46 15.06 -14.40
C PRO B 138 -6.72 16.34 -13.61
N LYS B 139 -7.23 17.37 -14.26
CA LYS B 139 -7.55 18.58 -13.53
C LYS B 139 -8.91 18.39 -12.78
N VAL B 140 -9.90 17.83 -13.46
CA VAL B 140 -11.14 17.41 -12.81
C VAL B 140 -10.90 16.42 -11.66
N LEU B 141 -10.02 15.46 -11.86
CA LEU B 141 -9.73 14.46 -10.86
C LEU B 141 -9.22 15.08 -9.56
N GLN B 142 -8.35 16.07 -9.71
CA GLN B 142 -7.76 16.79 -8.60
C GLN B 142 -8.78 17.62 -7.82
N TYR B 143 -9.76 18.18 -8.55
CA TYR B 143 -10.90 18.84 -7.95
C TYR B 143 -11.78 17.84 -7.23
N ALA B 144 -12.07 16.74 -7.91
CA ALA B 144 -12.87 15.66 -7.34
C ALA B 144 -12.19 15.14 -6.11
N LEU B 145 -10.86 15.05 -6.15
CA LEU B 145 -10.14 14.54 -4.98
C LEU B 145 -10.23 15.47 -3.76
N VAL B 146 -10.02 16.77 -3.97
CA VAL B 146 -10.03 17.66 -2.82
C VAL B 146 -11.42 17.72 -2.17
N VAL B 147 -12.46 17.64 -2.98
CA VAL B 147 -13.82 17.68 -2.44
C VAL B 147 -14.15 16.32 -1.80
N SER B 148 -13.77 15.24 -2.44
CA SER B 148 -13.97 13.91 -1.85
C SER B 148 -13.18 13.75 -0.53
N TYR B 149 -12.04 14.41 -0.47
CA TYR B 149 -11.17 14.29 0.66
C TYR B 149 -11.85 14.94 1.85
N ALA B 150 -12.36 16.13 1.60
CA ALA B 150 -12.88 16.98 2.67
C ALA B 150 -14.36 16.74 3.06
N ASN B 151 -15.23 16.40 2.10
CA ASN B 151 -16.64 16.20 2.42
C ASN B 151 -17.10 14.78 2.15
N GLY B 152 -16.29 14.00 1.45
CA GLY B 152 -16.67 12.62 1.14
C GLY B 152 -16.93 12.32 -0.33
N ALA B 153 -16.58 11.13 -0.76
CA ALA B 153 -16.68 10.78 -2.17
C ALA B 153 -18.13 10.54 -2.61
N GLY B 154 -18.88 9.82 -1.77
CA GLY B 154 -20.26 9.51 -2.09
C GLY B 154 -21.12 10.74 -2.28
N ALA B 155 -21.02 11.66 -1.32
CA ALA B 155 -21.73 12.94 -1.39
C ALA B 155 -21.48 13.62 -2.72
N LEU B 156 -20.23 13.55 -3.17
CA LEU B 156 -19.84 14.13 -4.44
C LEU B 156 -20.49 13.42 -5.61
N LEU B 157 -20.43 12.09 -5.56
CA LEU B 157 -20.87 11.25 -6.68
C LEU B 157 -22.37 11.30 -6.85
N ARG B 158 -23.08 11.30 -5.72
CA ARG B 158 -24.54 11.32 -5.72
C ARG B 158 -25.12 12.66 -6.20
N THR B 159 -24.28 13.67 -6.39
CA THR B 159 -24.71 14.89 -7.06
C THR B 159 -24.77 14.67 -8.58
N PHE B 160 -24.32 13.52 -9.05
CA PHE B 160 -24.46 13.19 -10.48
C PHE B 160 -25.43 12.02 -10.69
N SER B 161 -25.34 11.01 -9.85
CA SER B 161 -26.18 9.86 -9.99
C SER B 161 -26.01 8.92 -8.81
N SER B 162 -27.04 8.12 -8.56
CA SER B 162 -27.01 7.13 -7.51
C SER B 162 -26.18 5.95 -7.96
N ASP B 163 -25.90 5.86 -9.26
CA ASP B 163 -24.98 4.84 -9.74
C ASP B 163 -23.58 5.38 -9.94
N ARG B 164 -22.62 4.69 -9.34
CA ARG B 164 -21.22 5.09 -9.32
C ARG B 164 -20.66 5.22 -10.74
N LYS B 165 -20.96 4.26 -11.59
CA LYS B 165 -20.39 4.24 -12.93
C LYS B 165 -20.97 5.33 -13.87
N LYS B 166 -22.28 5.60 -13.76
CA LYS B 166 -22.90 6.68 -14.52
C LYS B 166 -22.42 8.06 -14.05
N ALA B 167 -22.31 8.20 -12.73
CA ALA B 167 -21.77 9.42 -12.13
C ALA B 167 -20.41 9.75 -12.73
N ILE B 168 -19.56 8.74 -12.88
CA ILE B 168 -18.24 8.98 -13.47
C ILE B 168 -18.42 9.45 -14.91
N SER B 169 -19.21 8.74 -15.70
CA SER B 169 -19.43 9.16 -17.07
C SER B 169 -19.92 10.60 -17.15
N LYS B 170 -20.88 10.95 -16.32
CA LYS B 170 -21.34 12.33 -16.30
C LYS B 170 -20.18 13.25 -15.97
N ILE B 171 -19.36 12.85 -15.00
CA ILE B 171 -18.18 13.63 -14.65
C ILE B 171 -17.20 13.78 -15.80
N ASN B 172 -17.08 12.74 -16.63
CA ASN B 172 -16.16 12.79 -17.77
C ASN B 172 -16.59 13.77 -18.90
N ASP B 173 -17.86 14.17 -18.92
CA ASP B 173 -18.37 15.07 -19.95
C ASP B 173 -18.22 16.56 -19.63
N LEU B 174 -17.43 16.86 -18.60
CA LEU B 174 -17.28 18.22 -18.09
C LEU B 174 -15.81 18.62 -18.09
N ASP B 175 -15.53 19.92 -18.16
CA ASP B 175 -14.19 20.41 -17.89
C ASP B 175 -14.06 20.93 -16.44
N ALA B 176 -12.82 21.08 -15.98
CA ALA B 176 -12.55 21.48 -14.60
C ALA B 176 -13.48 22.63 -14.13
N ASP B 177 -13.75 23.61 -15.00
CA ASP B 177 -14.63 24.74 -14.66
C ASP B 177 -16.11 24.39 -14.59
N GLU B 178 -16.54 23.49 -15.46
CA GLU B 178 -17.92 23.06 -15.47
C GLU B 178 -18.22 22.25 -14.19
N PHE B 179 -17.27 21.37 -13.82
CA PHE B 179 -17.32 20.61 -12.59
C PHE B 179 -17.44 21.50 -11.37
N LEU B 180 -16.61 22.54 -11.30
CA LEU B 180 -16.73 23.53 -10.24
C LEU B 180 -18.14 24.19 -10.30
N GLU B 181 -18.64 24.46 -11.50
CA GLU B 181 -19.96 25.02 -11.68
C GLU B 181 -20.96 24.09 -11.01
N HIS B 182 -20.92 22.83 -11.43
CA HIS B 182 -21.84 21.80 -10.94
C HIS B 182 -21.79 21.63 -9.42
N VAL B 183 -20.59 21.58 -8.88
CA VAL B 183 -20.40 21.42 -7.44
C VAL B 183 -21.06 22.58 -6.69
N ALA B 184 -20.73 23.81 -7.10
CA ALA B 184 -21.30 25.02 -6.49
C ALA B 184 -22.85 25.06 -6.50
N ARG B 185 -23.49 24.49 -7.51
CA ARG B 185 -24.95 24.53 -7.64
C ARG B 185 -25.67 23.30 -7.10
N ASN B 186 -25.00 22.16 -7.15
CA ASN B 186 -25.64 20.90 -6.82
C ASN B 186 -25.13 20.19 -5.58
N HIS B 187 -24.05 20.68 -4.99
CA HIS B 187 -23.50 19.97 -3.85
C HIS B 187 -24.14 20.48 -2.55
N PRO B 188 -24.79 19.58 -1.82
CA PRO B 188 -25.45 19.94 -0.57
C PRO B 188 -24.60 20.80 0.36
N ALA B 189 -23.33 20.42 0.54
CA ALA B 189 -22.45 21.14 1.45
C ALA B 189 -21.87 22.39 0.80
N PRO B 190 -22.15 23.55 1.39
CA PRO B 190 -21.75 24.85 0.85
C PRO B 190 -20.24 24.97 0.74
N GLN B 191 -19.54 24.23 1.57
CA GLN B 191 -18.10 24.38 1.62
C GLN B 191 -17.41 23.62 0.48
N ALA B 192 -18.12 22.70 -0.18
CA ALA B 192 -17.58 21.95 -1.32
C ALA B 192 -16.91 22.86 -2.36
N PRO B 193 -17.64 23.85 -2.88
CA PRO B 193 -16.89 24.62 -3.89
C PRO B 193 -15.78 25.47 -3.27
N ARG B 194 -15.90 25.77 -1.99
CA ARG B 194 -14.90 26.58 -1.32
C ARG B 194 -13.56 25.83 -1.18
N TYR B 195 -13.60 24.51 -1.17
CA TYR B 195 -12.37 23.72 -1.14
C TYR B 195 -11.61 23.80 -2.46
N ILE B 196 -12.33 23.80 -3.58
CA ILE B 196 -11.65 23.91 -4.85
C ILE B 196 -11.01 25.30 -4.93
N TYR B 197 -11.71 26.32 -4.47
CA TYR B 197 -11.17 27.68 -4.46
C TYR B 197 -9.96 27.73 -3.49
N LYS B 198 -10.06 27.17 -2.30
CA LYS B 198 -8.87 27.21 -1.46
C LYS B 198 -7.68 26.53 -2.17
N LEU B 199 -7.94 25.39 -2.79
CA LEU B 199 -6.92 24.66 -3.55
C LEU B 199 -6.20 25.62 -4.49
N GLU B 200 -6.94 26.20 -5.43
CA GLU B 200 -6.34 27.09 -6.42
C GLU B 200 -5.52 28.21 -5.80
N GLN B 201 -6.04 28.79 -4.73
CA GLN B 201 -5.32 29.80 -3.98
C GLN B 201 -4.00 29.20 -3.50
N ALA B 202 -4.05 27.96 -3.05
CA ALA B 202 -2.85 27.26 -2.55
C ALA B 202 -1.89 26.88 -3.66
N LEU B 203 -2.44 26.57 -4.85
CA LEU B 203 -1.60 26.28 -6.00
C LEU B 203 -0.93 27.55 -6.52
N ASP B 204 -1.64 28.66 -6.48
CA ASP B 204 -1.04 29.92 -6.87
C ASP B 204 0.22 30.20 -6.05
N ALA B 205 0.13 30.02 -4.73
CA ALA B 205 1.23 30.39 -3.87
C ALA B 205 2.36 29.38 -3.90
N MET B 206 2.43 28.60 -4.97
CA MET B 206 3.59 27.74 -5.23
C MET B 206 4.17 28.05 -6.60
#